data_3T5K
#
_entry.id   3T5K
#
_cell.length_a   94.372
_cell.length_b   104.011
_cell.length_c   52.831
_cell.angle_alpha   90.00
_cell.angle_beta   90.00
_cell.angle_gamma   90.00
#
_symmetry.space_group_name_H-M   'P 21 21 2'
#
loop_
_entity.id
_entity.type
_entity.pdbx_description
1 polymer 'DNA polymerase IV'
2 polymer "DNA (5'-D(*CP*AP*TP*(HN0)P*GP*AP*AP*TP*CP*CP*TP*TP*CP*CP*CP*CP*C)-3')"
3 polymer "DNA (5'-D(*GP*GP*GP*GP*GP*AP*AP*GP*GP*AP*TP*TP*CP*C)-3')"
4 non-polymer "2'-DEOXYADENOSINE 5'-TRIPHOSPHATE"
5 non-polymer 'CALCIUM ION'
6 water water
#
loop_
_entity_poly.entity_id
_entity_poly.type
_entity_poly.pdbx_seq_one_letter_code
_entity_poly.pdbx_strand_id
1 'polypeptide(L)'
;MIVLFVDFDYFYAQVEEVLNPSLKGKPVVVCVFSGRFEDSGAVATANYEARKFGVKAGIPIVEAKKILPNAVYLPMRKEV
YQQVSSRIMNLLREYSEKIEIASIDEAYLDISDKVRDYREAYNLGLEIKNKILEKEKITVTVGISKNKVFAKIAADMAKP
NGIKVIDDEEVKRLIRELDIADVPGIGNITAEKLKKLGINKLVDTLSIEFDKLKGMIGEAKAKYLISLARDEYNEPIRTR
VRKSIGRIVTMKRNSRNLEEIKPYLFRAIEESYYKLDKRIPKAIHVVAVTEDLDIVSRGRTFPHGISKETAYSESVKLLQ
KILEEDERKIRRIGVRFSKFI
;
A
2 'polydeoxyribonucleotide' (DC)(DA)(DT)(HN0)(DG)(DA)(DA)(DT)(DC)(DC)(DT)(DT)(DC)(DC)(DC)(DC)(DC) B
3 'polydeoxyribonucleotide' (DG)(DG)(DG)(DG)(DG)(DA)(DA)(DG)(DG)(DA)(DT)(DT)(DC)(DC) C
#
loop_
_chem_comp.id
_chem_comp.type
_chem_comp.name
_chem_comp.formula
CA non-polymer 'CALCIUM ION' 'Ca 2'
DA DNA linking 2'-DEOXYADENOSINE-5'-MONOPHOSPHATE 'C10 H14 N5 O6 P'
DC DNA linking 2'-DEOXYCYTIDINE-5'-MONOPHOSPHATE 'C9 H14 N3 O7 P'
DG DNA linking 2'-DEOXYGUANOSINE-5'-MONOPHOSPHATE 'C10 H14 N5 O7 P'
DT DNA linking THYMIDINE-5'-MONOPHOSPHATE 'C10 H15 N2 O8 P'
DTP non-polymer '2'-DEOXYADENOSINE 5'-TRIPHOSPHATE' 'C10 H16 N5 O12 P3'
HN0 DNA linking '2'-deoxy-N-[(2S,3S,5R)-5-hydroxy-2-pentyltetrahydrofuran-3-yl]guanosine 5'-(dihydrogen phosphate)' 'C19 H30 N5 O9 P'
#
# COMPACT_ATOMS: atom_id res chain seq x y z
N MET A 1 4.94 25.89 5.44
CA MET A 1 4.02 24.74 5.29
C MET A 1 4.62 23.50 5.96
N ILE A 2 3.94 22.95 6.96
CA ILE A 2 4.46 21.77 7.64
C ILE A 2 3.54 20.56 7.65
N VAL A 3 4.06 19.46 7.10
CA VAL A 3 3.32 18.21 7.01
C VAL A 3 3.90 17.19 7.99
N LEU A 4 3.01 16.53 8.72
CA LEU A 4 3.41 15.51 9.67
C LEU A 4 2.87 14.17 9.15
N PHE A 5 3.77 13.21 8.98
CA PHE A 5 3.40 11.90 8.46
C PHE A 5 3.47 10.83 9.54
N VAL A 6 2.36 10.15 9.80
CA VAL A 6 2.36 9.09 10.81
C VAL A 6 2.35 7.72 10.15
N ASP A 7 3.17 6.81 10.68
CA ASP A 7 3.30 5.49 10.08
C ASP A 7 3.40 4.30 11.04
N PHE A 8 2.27 3.63 11.30
CA PHE A 8 2.22 2.48 12.22
C PHE A 8 3.29 1.42 11.92
N ASP A 9 4.12 1.11 12.92
CA ASP A 9 5.21 0.13 12.78
C ASP A 9 4.80 -1.33 12.67
N TYR A 10 5.41 -2.03 11.69
CA TYR A 10 5.12 -3.44 11.41
C TYR A 10 3.69 -3.75 11.87
N PHE A 11 2.81 -2.81 11.54
CA PHE A 11 1.40 -2.80 11.87
C PHE A 11 0.63 -4.11 12.08
N TYR A 12 0.53 -4.97 11.06
CA TYR A 12 -0.21 -6.22 11.24
C TYR A 12 0.40 -7.07 12.34
N ALA A 13 1.70 -7.25 12.30
CA ALA A 13 2.36 -8.05 13.32
C ALA A 13 2.09 -7.46 14.70
N GLN A 14 2.24 -6.13 14.80
CA GLN A 14 2.04 -5.43 16.07
C GLN A 14 0.64 -5.60 16.60
N VAL A 15 -0.34 -5.59 15.73
CA VAL A 15 -1.70 -5.75 16.17
C VAL A 15 -1.87 -7.15 16.74
N GLU A 16 -1.36 -8.16 16.03
CA GLU A 16 -1.44 -9.55 16.48
C GLU A 16 -0.79 -9.68 17.85
N GLU A 17 0.22 -8.84 18.07
CA GLU A 17 0.95 -8.80 19.33
C GLU A 17 0.13 -8.15 20.43
N VAL A 18 -0.59 -7.09 20.09
CA VAL A 18 -1.43 -6.38 21.05
C VAL A 18 -2.60 -7.27 21.51
N LEU A 19 -3.06 -8.14 20.63
CA LEU A 19 -4.17 -9.04 20.95
C LEU A 19 -3.74 -10.32 21.67
N ASN A 20 -2.44 -10.45 21.92
CA ASN A 20 -1.90 -11.61 22.62
C ASN A 20 -0.46 -11.24 22.99
N PRO A 21 -0.30 -10.35 23.99
CA PRO A 21 1.01 -9.89 24.46
C PRO A 21 2.06 -10.97 24.66
N SER A 22 1.62 -12.21 24.85
CA SER A 22 2.56 -13.30 25.05
C SER A 22 3.51 -13.40 23.87
N LEU A 23 3.11 -12.80 22.74
CA LEU A 23 3.90 -12.80 21.50
C LEU A 23 5.07 -11.82 21.51
N LYS A 24 4.89 -10.72 22.24
CA LYS A 24 5.90 -9.68 22.35
C LYS A 24 7.28 -10.27 22.68
N GLY A 25 8.28 -9.93 21.87
CA GLY A 25 9.61 -10.43 22.11
C GLY A 25 10.03 -11.50 21.13
N LYS A 26 9.05 -12.22 20.59
CA LYS A 26 9.32 -13.30 19.63
C LYS A 26 9.17 -12.83 18.18
N PRO A 27 9.68 -13.63 17.22
CA PRO A 27 9.54 -13.23 15.83
C PRO A 27 8.12 -13.64 15.39
N VAL A 28 7.39 -12.67 14.85
CA VAL A 28 6.02 -12.93 14.41
C VAL A 28 5.84 -12.62 12.94
N VAL A 29 5.30 -13.60 12.21
CA VAL A 29 5.06 -13.48 10.77
C VAL A 29 3.57 -13.62 10.40
N VAL A 30 2.98 -12.54 9.89
CA VAL A 30 1.59 -12.54 9.47
C VAL A 30 1.58 -13.05 8.03
N CYS A 31 0.98 -14.22 7.85
CA CYS A 31 0.97 -14.86 6.54
C CYS A 31 -0.35 -14.87 5.82
N VAL A 32 -0.27 -15.07 4.51
CA VAL A 32 -1.44 -15.16 3.65
C VAL A 32 -1.37 -16.49 2.92
N PHE A 33 -1.94 -17.53 3.53
CA PHE A 33 -1.94 -18.87 2.96
C PHE A 33 -2.86 -19.01 1.74
N SER A 34 -2.26 -19.33 0.60
CA SER A 34 -3.02 -19.48 -0.63
C SER A 34 -3.61 -20.89 -0.73
N GLY A 35 -3.25 -21.75 0.22
CA GLY A 35 -3.78 -23.09 0.23
C GLY A 35 -3.57 -23.99 -0.98
N ARG A 36 -2.57 -23.71 -1.81
CA ARG A 36 -2.29 -24.57 -2.97
C ARG A 36 -1.53 -25.77 -2.43
N PHE A 37 -0.85 -25.58 -1.31
CA PHE A 37 -0.09 -26.64 -0.67
C PHE A 37 0.42 -26.26 0.71
N GLU A 38 1.15 -27.18 1.34
CA GLU A 38 1.69 -26.94 2.66
C GLU A 38 2.45 -25.62 2.72
N ASP A 39 1.89 -24.66 3.43
CA ASP A 39 2.53 -23.35 3.58
C ASP A 39 2.74 -22.58 2.28
N SER A 40 1.82 -22.73 1.34
CA SER A 40 1.93 -21.98 0.09
C SER A 40 1.36 -20.61 0.43
N GLY A 41 2.04 -19.57 0.02
CA GLY A 41 1.57 -18.23 0.31
C GLY A 41 2.74 -17.29 0.49
N ALA A 42 2.44 -16.03 0.76
CA ALA A 42 3.48 -15.05 0.96
C ALA A 42 3.35 -14.43 2.32
N VAL A 43 4.38 -13.70 2.71
CA VAL A 43 4.39 -13.02 3.99
C VAL A 43 3.71 -11.67 3.77
N ALA A 44 2.79 -11.31 4.65
CA ALA A 44 2.14 -10.01 4.56
C ALA A 44 3.13 -9.03 5.21
N THR A 45 3.59 -9.38 6.40
CA THR A 45 4.59 -8.57 7.09
C THR A 45 5.05 -9.29 8.32
N ALA A 46 6.20 -8.86 8.85
CA ALA A 46 6.78 -9.50 10.03
C ALA A 46 7.31 -8.42 10.98
N ASN A 47 7.34 -8.68 12.28
CA ASN A 47 7.88 -7.69 13.20
C ASN A 47 9.41 -7.71 13.11
N TYR A 48 10.09 -6.81 13.79
CA TYR A 48 11.55 -6.76 13.70
C TYR A 48 12.31 -8.00 14.20
N GLU A 49 11.71 -8.78 15.08
CA GLU A 49 12.38 -9.99 15.54
C GLU A 49 12.62 -10.87 14.33
N ALA A 50 11.73 -10.75 13.34
CA ALA A 50 11.85 -11.54 12.14
C ALA A 50 12.51 -10.77 11.00
N ARG A 51 12.19 -9.49 10.89
CA ARG A 51 12.75 -8.71 9.80
C ARG A 51 14.26 -8.60 9.83
N LYS A 52 14.84 -8.61 11.03
CA LYS A 52 16.29 -8.49 11.12
C LYS A 52 17.01 -9.70 10.53
N PHE A 53 16.27 -10.75 10.21
CA PHE A 53 16.87 -11.94 9.63
C PHE A 53 16.50 -12.13 8.17
N GLY A 54 15.89 -11.10 7.56
CA GLY A 54 15.51 -11.18 6.17
C GLY A 54 14.04 -11.48 5.88
N VAL A 55 13.29 -11.88 6.91
CA VAL A 55 11.87 -12.19 6.70
C VAL A 55 11.08 -10.90 6.55
N LYS A 56 10.59 -10.65 5.35
CA LYS A 56 9.85 -9.42 5.08
C LYS A 56 8.72 -9.71 4.13
N ALA A 57 7.78 -8.77 4.03
CA ALA A 57 6.64 -8.88 3.15
C ALA A 57 7.07 -9.30 1.73
N GLY A 58 6.30 -10.21 1.14
CA GLY A 58 6.62 -10.65 -0.21
C GLY A 58 7.33 -11.97 -0.37
N ILE A 59 8.21 -12.35 0.56
CA ILE A 59 8.92 -13.62 0.42
C ILE A 59 7.98 -14.77 0.73
N PRO A 60 8.22 -15.94 0.13
CA PRO A 60 7.35 -17.09 0.38
C PRO A 60 7.35 -17.56 1.84
N ILE A 61 6.17 -17.96 2.32
CA ILE A 61 6.05 -18.44 3.67
C ILE A 61 7.03 -19.59 3.90
N VAL A 62 7.26 -20.36 2.84
CA VAL A 62 8.19 -21.50 2.91
C VAL A 62 9.65 -21.07 3.09
N GLU A 63 10.04 -20.02 2.38
CA GLU A 63 11.41 -19.52 2.49
C GLU A 63 11.69 -19.01 3.90
N ALA A 64 10.71 -18.32 4.47
CA ALA A 64 10.83 -17.76 5.81
C ALA A 64 11.02 -18.83 6.87
N LYS A 65 10.27 -19.93 6.76
CA LYS A 65 10.38 -21.01 7.75
C LYS A 65 11.77 -21.65 7.71
N LYS A 66 12.43 -21.55 6.56
CA LYS A 66 13.78 -22.09 6.41
C LYS A 66 14.70 -21.22 7.27
N ILE A 67 14.41 -19.93 7.29
CA ILE A 67 15.19 -18.98 8.06
C ILE A 67 14.84 -19.01 9.54
N LEU A 68 13.54 -19.02 9.86
CA LEU A 68 13.11 -19.03 11.25
C LEU A 68 12.02 -20.05 11.48
N PRO A 69 12.37 -21.33 11.38
CA PRO A 69 11.41 -22.43 11.59
C PRO A 69 10.63 -22.35 12.89
N ASN A 70 11.15 -21.62 13.88
CA ASN A 70 10.50 -21.51 15.18
C ASN A 70 9.79 -20.21 15.48
N ALA A 71 9.69 -19.34 14.48
CA ALA A 71 9.00 -18.08 14.68
C ALA A 71 7.51 -18.37 14.72
N VAL A 72 6.72 -17.40 15.20
CA VAL A 72 5.29 -17.59 15.23
C VAL A 72 4.71 -17.16 13.88
N TYR A 73 3.94 -18.06 13.28
CA TYR A 73 3.32 -17.82 11.98
C TYR A 73 1.82 -17.71 12.14
N LEU A 74 1.27 -16.59 11.72
CA LEU A 74 -0.17 -16.37 11.85
C LEU A 74 -0.87 -15.94 10.58
N PRO A 75 -2.11 -16.40 10.39
CA PRO A 75 -2.93 -16.08 9.21
C PRO A 75 -3.43 -14.64 9.30
N MET A 76 -3.35 -13.93 8.18
CA MET A 76 -3.79 -12.55 8.14
C MET A 76 -5.27 -12.35 8.46
N ARG A 77 -5.55 -11.38 9.33
CA ARG A 77 -6.91 -11.05 9.73
C ARG A 77 -7.22 -9.59 9.41
N LYS A 78 -7.38 -9.30 8.12
CA LYS A 78 -7.64 -7.95 7.62
C LYS A 78 -8.62 -7.10 8.40
N GLU A 79 -9.85 -7.62 8.57
CA GLU A 79 -10.92 -6.93 9.28
C GLU A 79 -10.47 -6.37 10.61
N VAL A 80 -9.84 -7.22 11.41
CA VAL A 80 -9.35 -6.81 12.73
C VAL A 80 -8.36 -5.66 12.63
N TYR A 81 -7.43 -5.74 11.70
CA TYR A 81 -6.44 -4.67 11.57
C TYR A 81 -7.15 -3.41 11.10
N GLN A 82 -8.11 -3.57 10.20
CA GLN A 82 -8.83 -2.44 9.68
C GLN A 82 -9.56 -1.64 10.75
N GLN A 83 -10.19 -2.33 11.70
CA GLN A 83 -10.90 -1.63 12.76
C GLN A 83 -9.91 -0.91 13.69
N VAL A 84 -8.81 -1.57 14.02
CA VAL A 84 -7.80 -0.96 14.88
C VAL A 84 -7.29 0.32 14.21
N SER A 85 -7.09 0.25 12.90
CA SER A 85 -6.61 1.39 12.11
C SER A 85 -7.57 2.59 12.18
N SER A 86 -8.87 2.32 12.02
CA SER A 86 -9.88 3.37 12.07
C SER A 86 -9.83 4.08 13.39
N ARG A 87 -9.87 3.32 14.48
CA ARG A 87 -9.81 3.91 15.78
C ARG A 87 -8.61 4.85 15.84
N ILE A 88 -7.45 4.34 15.44
CA ILE A 88 -6.25 5.16 15.44
C ILE A 88 -6.38 6.39 14.56
N MET A 89 -7.06 6.28 13.42
CA MET A 89 -7.21 7.44 12.54
C MET A 89 -7.97 8.57 13.22
N ASN A 90 -8.84 8.24 14.16
CA ASN A 90 -9.59 9.26 14.86
C ASN A 90 -8.68 10.02 15.84
N LEU A 91 -7.91 9.30 16.64
CA LEU A 91 -7.00 9.97 17.56
C LEU A 91 -6.22 11.02 16.79
N LEU A 92 -5.86 10.69 15.55
CA LEU A 92 -5.11 11.57 14.69
C LEU A 92 -5.92 12.76 14.22
N ARG A 93 -7.19 12.53 13.91
CA ARG A 93 -8.06 13.61 13.45
C ARG A 93 -8.07 14.71 14.49
N GLU A 94 -8.11 14.31 15.74
CA GLU A 94 -8.14 15.24 16.86
C GLU A 94 -6.83 16.00 16.97
N TYR A 95 -6.21 16.25 15.82
CA TYR A 95 -4.95 16.98 15.78
C TYR A 95 -4.91 17.85 14.54
N SER A 96 -5.98 17.79 13.75
CA SER A 96 -6.09 18.58 12.52
C SER A 96 -7.23 18.05 11.66
N GLU A 97 -8.03 18.95 11.10
CA GLU A 97 -9.12 18.53 10.23
C GLU A 97 -8.48 18.13 8.91
N LYS A 98 -7.30 18.68 8.67
CA LYS A 98 -6.55 18.38 7.46
C LYS A 98 -5.75 17.09 7.63
N ILE A 99 -6.41 15.98 7.28
CA ILE A 99 -5.86 14.63 7.36
C ILE A 99 -6.10 13.87 6.06
N GLU A 100 -5.06 13.19 5.60
CA GLU A 100 -5.13 12.38 4.37
C GLU A 100 -4.75 10.94 4.67
N ILE A 101 -5.76 10.09 4.81
CA ILE A 101 -5.52 8.67 5.08
C ILE A 101 -5.05 8.02 3.77
N ALA A 102 -3.75 7.74 3.71
CA ALA A 102 -3.14 7.15 2.52
C ALA A 102 -3.37 5.64 2.40
N SER A 103 -3.08 4.93 3.49
CA SER A 103 -3.23 3.48 3.52
C SER A 103 -3.77 3.07 4.88
N ILE A 104 -3.80 1.76 5.14
CA ILE A 104 -4.32 1.22 6.38
C ILE A 104 -3.43 1.51 7.57
N ASP A 105 -2.30 2.15 7.32
CA ASP A 105 -1.34 2.46 8.39
C ASP A 105 -0.54 3.72 8.14
N GLU A 106 -0.99 4.54 7.19
CA GLU A 106 -0.28 5.76 6.87
C GLU A 106 -1.22 6.91 6.79
N ALA A 107 -0.74 8.08 7.20
CA ALA A 107 -1.56 9.26 7.15
C ALA A 107 -0.70 10.52 7.24
N TYR A 108 -1.23 11.61 6.67
CA TYR A 108 -0.55 12.90 6.68
C TYR A 108 -1.48 13.90 7.35
N LEU A 109 -0.90 14.88 8.02
CA LEU A 109 -1.69 15.90 8.68
C LEU A 109 -1.10 17.25 8.30
N ASP A 110 -1.98 18.20 8.04
CA ASP A 110 -1.56 19.54 7.71
C ASP A 110 -1.64 20.28 9.04
N ILE A 111 -0.50 20.49 9.67
CA ILE A 111 -0.48 21.17 10.95
C ILE A 111 0.20 22.52 10.81
N SER A 112 0.02 23.14 9.65
CA SER A 112 0.61 24.45 9.41
C SER A 112 0.01 25.46 10.39
N ASP A 113 -1.17 25.15 10.92
CA ASP A 113 -1.83 26.01 11.90
C ASP A 113 -1.15 25.77 13.25
N LYS A 114 -1.68 24.79 13.96
CA LYS A 114 -1.22 24.38 15.28
C LYS A 114 0.23 24.74 15.61
N VAL A 115 1.17 24.26 14.80
CA VAL A 115 2.58 24.54 15.02
C VAL A 115 3.04 25.86 14.38
N ARG A 116 4.17 26.37 14.85
CA ARG A 116 4.71 27.60 14.31
C ARG A 116 6.13 27.39 13.80
N ASP A 117 6.66 26.19 14.01
CA ASP A 117 8.01 25.86 13.56
C ASP A 117 8.32 24.40 13.84
N TYR A 118 9.42 23.92 13.25
CA TYR A 118 9.81 22.54 13.41
C TYR A 118 9.99 22.06 14.85
N ARG A 119 10.01 22.97 15.82
CA ARG A 119 10.15 22.56 17.23
C ARG A 119 8.81 22.07 17.74
N GLU A 120 7.84 22.97 17.77
CA GLU A 120 6.49 22.64 18.22
C GLU A 120 5.95 21.50 17.37
N ALA A 121 6.55 21.33 16.19
CA ALA A 121 6.14 20.26 15.29
C ALA A 121 6.58 18.98 15.97
N TYR A 122 7.86 18.95 16.33
CA TYR A 122 8.45 17.80 16.99
C TYR A 122 7.63 17.40 18.21
N ASN A 123 7.37 18.36 19.09
CA ASN A 123 6.61 18.08 20.30
C ASN A 123 5.26 17.46 19.96
N LEU A 124 4.56 18.04 19.00
CA LEU A 124 3.27 17.51 18.60
C LEU A 124 3.48 16.07 18.12
N GLY A 125 4.69 15.84 17.59
CA GLY A 125 5.05 14.52 17.10
C GLY A 125 5.18 13.52 18.23
N LEU A 126 5.80 13.95 19.32
CA LEU A 126 5.98 13.06 20.47
C LEU A 126 4.64 12.91 21.16
N GLU A 127 3.87 13.99 21.18
CA GLU A 127 2.57 13.98 21.81
C GLU A 127 1.66 12.96 21.13
N ILE A 128 1.70 12.92 19.80
CA ILE A 128 0.88 11.99 19.03
C ILE A 128 1.35 10.55 19.19
N LYS A 129 2.64 10.33 18.95
CA LYS A 129 3.22 9.00 19.10
C LYS A 129 2.77 8.44 20.43
N ASN A 130 2.73 9.33 21.43
CA ASN A 130 2.37 8.97 22.77
C ASN A 130 0.91 8.59 22.95
N LYS A 131 0.01 9.48 22.57
CA LYS A 131 -1.41 9.21 22.70
C LYS A 131 -1.78 7.84 22.10
N ILE A 132 -1.25 7.54 20.92
CA ILE A 132 -1.54 6.27 20.26
C ILE A 132 -0.96 5.08 21.02
N LEU A 133 0.27 5.24 21.52
CA LEU A 133 0.93 4.16 22.27
C LEU A 133 0.18 3.88 23.55
N GLU A 134 -0.57 4.88 24.00
CA GLU A 134 -1.35 4.82 25.22
C GLU A 134 -2.74 4.25 24.99
N LYS A 135 -3.49 4.88 24.09
CA LYS A 135 -4.85 4.47 23.75
C LYS A 135 -4.94 3.08 23.10
N GLU A 136 -4.07 2.81 22.14
CA GLU A 136 -4.10 1.52 21.45
C GLU A 136 -2.88 0.64 21.67
N LYS A 137 -1.82 1.21 22.26
CA LYS A 137 -0.60 0.47 22.56
C LYS A 137 0.17 0.05 21.32
N ILE A 138 0.27 0.98 20.37
CA ILE A 138 1.00 0.69 19.16
C ILE A 138 2.01 1.78 18.82
N THR A 139 3.19 1.36 18.40
CA THR A 139 4.26 2.28 18.06
C THR A 139 4.16 2.70 16.59
N VAL A 140 4.41 3.98 16.36
CA VAL A 140 4.40 4.54 15.01
C VAL A 140 5.61 5.44 14.85
N THR A 141 5.97 5.71 13.60
CA THR A 141 7.09 6.60 13.34
C THR A 141 6.48 7.88 12.79
N VAL A 142 7.08 9.02 13.12
CA VAL A 142 6.61 10.31 12.65
C VAL A 142 7.63 11.05 11.81
N GLY A 143 7.29 11.32 10.55
CA GLY A 143 8.18 12.05 9.67
C GLY A 143 7.61 13.46 9.59
N ILE A 144 8.47 14.47 9.67
CA ILE A 144 8.01 15.87 9.62
C ILE A 144 8.78 16.69 8.60
N SER A 145 8.06 17.49 7.81
CA SER A 145 8.71 18.33 6.81
C SER A 145 7.78 19.26 6.02
N LYS A 146 8.35 19.88 5.00
CA LYS A 146 7.66 20.83 4.14
C LYS A 146 6.46 20.26 3.37
N ASN A 147 6.68 19.16 2.66
CA ASN A 147 5.64 18.52 1.86
C ASN A 147 5.50 17.04 2.22
N LYS A 148 4.46 16.41 1.68
CA LYS A 148 4.20 15.00 1.91
C LYS A 148 5.39 14.09 1.60
N VAL A 149 6.00 14.30 0.44
CA VAL A 149 7.12 13.46 0.06
C VAL A 149 8.23 13.43 1.08
N PHE A 150 8.68 14.59 1.55
CA PHE A 150 9.78 14.58 2.51
C PHE A 150 9.38 14.16 3.92
N ALA A 151 8.12 14.38 4.27
CA ALA A 151 7.63 13.98 5.58
C ALA A 151 7.70 12.44 5.60
N LYS A 152 7.33 11.82 4.49
CA LYS A 152 7.36 10.37 4.39
C LYS A 152 8.81 9.87 4.39
N ILE A 153 9.70 10.60 3.74
CA ILE A 153 11.10 10.21 3.69
C ILE A 153 11.70 10.27 5.09
N ALA A 154 11.32 11.29 5.83
CA ALA A 154 11.81 11.46 7.20
C ALA A 154 11.42 10.20 7.95
N ALA A 155 10.18 9.77 7.75
CA ALA A 155 9.68 8.58 8.40
C ALA A 155 10.54 7.36 8.07
N ASP A 156 10.81 7.12 6.79
CA ASP A 156 11.60 5.95 6.41
C ASP A 156 12.94 5.94 7.10
N MET A 157 13.47 7.12 7.36
CA MET A 157 14.76 7.24 8.02
C MET A 157 14.64 6.97 9.53
N ALA A 158 13.73 7.67 10.19
CA ALA A 158 13.53 7.57 11.63
C ALA A 158 12.90 6.29 12.18
N LYS A 159 12.51 5.36 11.31
CA LYS A 159 11.87 4.13 11.78
C LYS A 159 12.87 3.02 12.10
N PRO A 160 12.49 2.08 12.98
CA PRO A 160 11.19 1.98 13.67
C PRO A 160 11.04 2.83 14.93
N ASN A 161 9.79 2.95 15.37
CA ASN A 161 9.46 3.70 16.56
C ASN A 161 10.20 5.02 16.70
N GLY A 162 10.49 5.68 15.58
CA GLY A 162 11.19 6.95 15.64
C GLY A 162 10.34 8.17 15.31
N ILE A 163 11.02 9.29 15.15
CA ILE A 163 10.40 10.57 14.79
C ILE A 163 11.56 11.42 14.33
N LYS A 164 11.43 12.04 13.16
CA LYS A 164 12.49 12.85 12.60
C LYS A 164 11.97 14.02 11.82
N VAL A 165 12.72 15.11 11.84
CA VAL A 165 12.32 16.28 11.10
C VAL A 165 13.35 16.55 10.02
N ILE A 166 12.86 16.90 8.84
CA ILE A 166 13.73 17.22 7.74
C ILE A 166 13.47 18.67 7.39
N ASP A 167 14.36 19.53 7.90
CA ASP A 167 14.29 20.96 7.69
C ASP A 167 14.76 21.32 6.28
N ASP A 168 14.49 22.56 5.89
CA ASP A 168 14.85 23.07 4.58
C ASP A 168 16.33 22.95 4.26
N GLU A 169 17.18 23.16 5.25
CA GLU A 169 18.61 23.04 5.01
C GLU A 169 18.89 21.62 4.54
N GLU A 170 18.29 20.64 5.21
CA GLU A 170 18.48 19.24 4.88
C GLU A 170 17.77 18.79 3.60
N VAL A 171 16.59 19.35 3.34
CA VAL A 171 15.85 19.00 2.14
C VAL A 171 16.78 19.18 0.94
N LYS A 172 17.50 20.30 0.94
CA LYS A 172 18.42 20.64 -0.14
C LYS A 172 19.61 19.69 -0.28
N ARG A 173 20.14 19.21 0.83
CA ARG A 173 21.26 18.27 0.74
C ARG A 173 20.74 16.93 0.26
N LEU A 174 19.48 16.63 0.58
CA LEU A 174 18.84 15.38 0.16
C LEU A 174 18.58 15.39 -1.34
N ILE A 175 18.07 16.52 -1.84
CA ILE A 175 17.78 16.65 -3.26
C ILE A 175 19.10 16.43 -4.01
N ARG A 176 20.18 16.36 -3.25
CA ARG A 176 21.50 16.16 -3.82
C ARG A 176 22.08 14.81 -3.43
N GLU A 177 22.14 14.52 -2.14
CA GLU A 177 22.68 13.26 -1.65
C GLU A 177 21.75 12.06 -1.82
N LEU A 178 20.51 12.22 -1.35
CA LEU A 178 19.49 11.17 -1.41
C LEU A 178 19.38 10.53 -2.80
N ASP A 179 19.46 9.21 -2.83
CA ASP A 179 19.36 8.47 -4.08
C ASP A 179 17.94 8.52 -4.63
N ILE A 180 17.83 8.72 -5.94
CA ILE A 180 16.55 8.84 -6.64
C ILE A 180 15.59 7.66 -6.41
N ALA A 181 16.15 6.48 -6.32
CA ALA A 181 15.37 5.27 -6.11
C ALA A 181 14.70 5.33 -4.73
N ASP A 182 15.35 5.99 -3.78
CA ASP A 182 14.80 6.10 -2.45
C ASP A 182 13.75 7.20 -2.34
N VAL A 183 13.23 7.62 -3.49
CA VAL A 183 12.18 8.65 -3.55
C VAL A 183 10.81 8.01 -3.81
N PRO A 184 9.81 8.27 -2.94
CA PRO A 184 8.46 7.72 -3.07
C PRO A 184 7.90 7.79 -4.48
N GLY A 185 7.46 6.65 -4.98
CA GLY A 185 6.89 6.59 -6.31
C GLY A 185 7.85 6.12 -7.37
N ILE A 186 9.08 5.82 -6.98
CA ILE A 186 10.05 5.36 -7.95
C ILE A 186 10.37 3.90 -7.69
N GLY A 187 9.64 3.02 -8.36
CA GLY A 187 9.86 1.60 -8.17
C GLY A 187 11.14 1.19 -8.85
N ASN A 188 11.27 -0.08 -9.21
CA ASN A 188 12.48 -0.55 -9.87
C ASN A 188 12.45 -0.22 -11.36
N ILE A 189 11.28 -0.36 -12.00
CA ILE A 189 11.17 -0.05 -13.42
C ILE A 189 11.61 1.38 -13.68
N THR A 190 11.13 2.31 -12.87
CA THR A 190 11.50 3.71 -13.03
C THR A 190 12.97 3.87 -12.68
N ALA A 191 13.34 3.44 -11.47
CA ALA A 191 14.74 3.52 -11.02
C ALA A 191 15.69 3.07 -12.12
N GLU A 192 15.29 2.02 -12.83
CA GLU A 192 16.07 1.48 -13.92
C GLU A 192 16.14 2.43 -15.12
N LYS A 193 14.99 2.95 -15.54
CA LYS A 193 14.99 3.86 -16.66
C LYS A 193 15.76 5.11 -16.30
N LEU A 194 15.81 5.43 -15.01
CA LEU A 194 16.51 6.64 -14.56
C LEU A 194 18.02 6.49 -14.64
N LYS A 195 18.52 5.30 -14.34
CA LYS A 195 19.96 5.04 -14.40
C LYS A 195 20.42 5.34 -15.83
N LYS A 196 19.78 4.67 -16.78
CA LYS A 196 20.09 4.81 -18.19
C LYS A 196 20.10 6.25 -18.66
N LEU A 197 19.57 7.16 -17.85
CA LEU A 197 19.55 8.56 -18.25
C LEU A 197 20.61 9.32 -17.46
N GLY A 198 21.39 8.59 -16.68
CA GLY A 198 22.43 9.21 -15.88
C GLY A 198 21.85 9.92 -14.69
N ILE A 199 20.57 9.69 -14.45
CA ILE A 199 19.87 10.30 -13.34
C ILE A 199 19.88 9.34 -12.15
N ASN A 200 20.73 9.63 -11.17
CA ASN A 200 20.83 8.80 -9.97
C ASN A 200 20.50 9.63 -8.74
N LYS A 201 20.14 10.90 -8.96
CA LYS A 201 19.79 11.80 -7.87
C LYS A 201 18.70 12.76 -8.35
N LEU A 202 17.89 13.26 -7.42
CA LEU A 202 16.82 14.18 -7.76
C LEU A 202 17.32 15.31 -8.64
N VAL A 203 18.49 15.85 -8.28
CA VAL A 203 19.08 16.97 -9.01
C VAL A 203 19.28 16.74 -10.51
N ASP A 204 19.80 15.57 -10.89
CA ASP A 204 20.03 15.28 -12.30
C ASP A 204 18.79 15.51 -13.17
N THR A 205 17.61 15.51 -12.56
CA THR A 205 16.40 15.73 -13.34
C THR A 205 16.38 17.11 -14.00
N LEU A 206 17.34 17.95 -13.62
CA LEU A 206 17.40 19.30 -14.17
C LEU A 206 18.45 19.47 -15.27
N SER A 207 19.23 18.42 -15.50
CA SER A 207 20.29 18.43 -16.50
C SER A 207 19.82 17.74 -17.79
N ILE A 208 18.57 17.31 -17.79
CA ILE A 208 17.99 16.63 -18.92
C ILE A 208 16.90 17.49 -19.54
N GLU A 209 16.68 17.30 -20.83
CA GLU A 209 15.64 18.05 -21.51
C GLU A 209 14.31 17.42 -21.15
N PHE A 210 13.51 18.15 -20.39
CA PHE A 210 12.22 17.65 -19.94
C PHE A 210 11.52 16.72 -20.91
N ASP A 211 11.47 17.11 -22.19
CA ASP A 211 10.80 16.31 -23.19
C ASP A 211 11.36 14.90 -23.39
N LYS A 212 12.63 14.71 -23.08
CA LYS A 212 13.23 13.38 -23.24
C LYS A 212 12.79 12.53 -22.06
N LEU A 213 12.77 13.16 -20.89
CA LEU A 213 12.37 12.54 -19.64
C LEU A 213 10.90 12.12 -19.71
N LYS A 214 10.07 13.03 -20.21
CA LYS A 214 8.66 12.76 -20.37
C LYS A 214 8.46 11.57 -21.30
N GLY A 215 9.38 11.38 -22.23
CA GLY A 215 9.29 10.28 -23.16
C GLY A 215 9.80 8.99 -22.59
N MET A 216 10.51 9.08 -21.47
CA MET A 216 11.07 7.89 -20.83
C MET A 216 10.24 7.39 -19.63
N ILE A 217 9.85 8.30 -18.73
CA ILE A 217 9.09 7.91 -17.54
C ILE A 217 7.67 8.42 -17.50
N GLY A 218 7.30 9.30 -18.42
CA GLY A 218 5.94 9.81 -18.43
C GLY A 218 5.86 11.26 -17.99
N GLU A 219 4.83 11.97 -18.42
CA GLU A 219 4.70 13.37 -18.05
C GLU A 219 4.48 13.57 -16.56
N ALA A 220 3.43 12.95 -16.03
CA ALA A 220 3.10 13.07 -14.61
C ALA A 220 4.31 12.87 -13.72
N LYS A 221 5.00 11.75 -13.93
CA LYS A 221 6.18 11.34 -13.17
C LYS A 221 7.33 12.33 -13.33
N ALA A 222 7.58 12.73 -14.57
CA ALA A 222 8.63 13.67 -14.89
C ALA A 222 8.37 15.02 -14.23
N LYS A 223 7.11 15.46 -14.22
CA LYS A 223 6.79 16.72 -13.59
C LYS A 223 6.94 16.58 -12.08
N TYR A 224 6.50 15.42 -11.57
CA TYR A 224 6.60 15.10 -10.15
C TYR A 224 8.05 15.25 -9.69
N LEU A 225 8.96 14.57 -10.37
CA LEU A 225 10.37 14.62 -10.04
C LEU A 225 10.96 16.03 -10.17
N ILE A 226 10.79 16.64 -11.34
CA ILE A 226 11.29 17.98 -11.60
C ILE A 226 10.91 18.99 -10.53
N SER A 227 9.66 18.98 -10.07
CA SER A 227 9.26 19.94 -9.03
C SER A 227 9.87 19.65 -7.65
N LEU A 228 10.12 18.39 -7.34
CA LEU A 228 10.74 18.06 -6.06
C LEU A 228 12.15 18.62 -6.06
N ALA A 229 12.86 18.34 -7.15
CA ALA A 229 14.24 18.79 -7.33
C ALA A 229 14.36 20.30 -7.30
N ARG A 230 13.37 20.98 -7.86
CA ARG A 230 13.38 22.43 -7.88
C ARG A 230 12.92 22.97 -6.55
N ASP A 231 12.71 22.09 -5.57
CA ASP A 231 12.28 22.50 -4.24
C ASP A 231 10.96 23.27 -4.36
N GLU A 232 10.08 22.77 -5.21
CA GLU A 232 8.81 23.45 -5.44
C GLU A 232 7.60 22.54 -5.28
N TYR A 233 7.84 21.24 -5.04
CA TYR A 233 6.75 20.29 -4.86
C TYR A 233 5.87 20.73 -3.70
N ASN A 234 4.57 20.85 -3.94
CA ASN A 234 3.69 21.31 -2.89
C ASN A 234 2.28 20.77 -3.01
N GLU A 235 2.12 19.47 -2.87
CA GLU A 235 0.80 18.87 -2.97
C GLU A 235 0.04 18.94 -1.66
N PRO A 236 -1.28 19.23 -1.75
CA PRO A 236 -2.18 19.36 -0.62
C PRO A 236 -2.56 18.04 0.07
N ILE A 237 -2.99 18.13 1.32
CA ILE A 237 -3.41 16.96 2.06
C ILE A 237 -4.91 16.85 1.80
N ARG A 238 -5.30 15.92 0.94
CA ARG A 238 -6.70 15.71 0.58
C ARG A 238 -7.24 14.40 1.16
N THR A 239 -8.54 14.33 1.36
CA THR A 239 -9.13 13.10 1.90
C THR A 239 -9.49 12.18 0.72
N ARG A 240 -8.95 10.96 0.72
CA ARG A 240 -9.20 10.02 -0.36
C ARG A 240 -10.50 9.24 -0.16
N VAL A 241 -10.93 8.52 -1.19
CA VAL A 241 -12.17 7.74 -1.11
C VAL A 241 -12.09 6.44 -1.93
N ARG A 242 -12.64 5.35 -1.40
CA ARG A 242 -12.63 4.08 -2.10
C ARG A 242 -13.19 4.23 -3.52
N LYS A 243 -12.37 3.93 -4.52
CA LYS A 243 -12.81 4.04 -5.91
C LYS A 243 -13.11 2.69 -6.56
N SER A 244 -12.66 1.61 -5.91
CA SER A 244 -12.93 0.27 -6.41
C SER A 244 -12.94 -0.73 -5.26
N ILE A 245 -13.75 -1.77 -5.37
CA ILE A 245 -13.80 -2.81 -4.35
C ILE A 245 -13.72 -4.13 -5.08
N GLY A 246 -12.84 -5.02 -4.64
CA GLY A 246 -12.71 -6.29 -5.32
C GLY A 246 -12.23 -7.41 -4.45
N ARG A 247 -11.99 -8.56 -5.09
CA ARG A 247 -11.52 -9.74 -4.39
C ARG A 247 -10.95 -10.70 -5.43
N ILE A 248 -9.78 -11.22 -5.12
CA ILE A 248 -9.09 -12.16 -6.00
C ILE A 248 -8.74 -13.36 -5.12
N VAL A 249 -8.92 -14.56 -5.66
CA VAL A 249 -8.61 -15.76 -4.91
C VAL A 249 -7.73 -16.67 -5.74
N THR A 250 -7.02 -17.56 -5.06
CA THR A 250 -6.13 -18.49 -5.74
C THR A 250 -6.82 -19.84 -5.84
N MET A 251 -6.77 -20.46 -7.01
CA MET A 251 -7.39 -21.76 -7.21
C MET A 251 -6.39 -22.85 -6.82
N LYS A 252 -6.90 -23.92 -6.22
CA LYS A 252 -6.04 -25.02 -5.82
C LYS A 252 -5.18 -25.43 -7.01
N ARG A 253 -5.79 -25.49 -8.19
CA ARG A 253 -5.07 -25.87 -9.40
C ARG A 253 -5.29 -24.91 -10.56
N ASN A 254 -4.24 -24.71 -11.36
CA ASN A 254 -4.32 -23.85 -12.52
C ASN A 254 -5.29 -24.50 -13.49
N SER A 255 -6.22 -23.72 -14.01
CA SER A 255 -7.22 -24.25 -14.93
C SER A 255 -7.54 -23.34 -16.11
N ARG A 256 -8.32 -23.91 -17.03
CA ARG A 256 -8.79 -23.23 -18.23
C ARG A 256 -10.26 -23.61 -18.32
N ASN A 257 -10.62 -24.63 -17.55
CA ASN A 257 -11.97 -25.13 -17.50
C ASN A 257 -12.95 -24.15 -16.86
N LEU A 258 -13.80 -23.58 -17.69
CA LEU A 258 -14.80 -22.61 -17.26
C LEU A 258 -15.48 -23.08 -15.96
N GLU A 259 -16.12 -24.24 -16.01
CA GLU A 259 -16.80 -24.77 -14.85
C GLU A 259 -15.92 -24.88 -13.64
N GLU A 260 -14.68 -25.28 -13.87
CA GLU A 260 -13.72 -25.44 -12.79
C GLU A 260 -13.42 -24.10 -12.13
N ILE A 261 -13.57 -23.03 -12.90
CA ILE A 261 -13.30 -21.69 -12.40
C ILE A 261 -14.48 -20.96 -11.75
N LYS A 262 -15.64 -20.98 -12.40
CA LYS A 262 -16.84 -20.29 -11.89
C LYS A 262 -16.99 -20.22 -10.36
N PRO A 263 -16.91 -21.36 -9.67
CA PRO A 263 -17.05 -21.35 -8.21
C PRO A 263 -16.14 -20.34 -7.51
N TYR A 264 -14.88 -20.31 -7.91
CA TYR A 264 -13.93 -19.39 -7.31
C TYR A 264 -14.35 -17.96 -7.63
N LEU A 265 -14.84 -17.76 -8.85
CA LEU A 265 -15.25 -16.44 -9.30
C LEU A 265 -16.52 -15.93 -8.61
N PHE A 266 -17.50 -16.79 -8.46
CA PHE A 266 -18.74 -16.38 -7.82
C PHE A 266 -18.48 -16.04 -6.36
N ARG A 267 -17.56 -16.79 -5.76
CA ARG A 267 -17.18 -16.59 -4.36
C ARG A 267 -16.56 -15.21 -4.23
N ALA A 268 -15.72 -14.84 -5.20
CA ALA A 268 -15.06 -13.54 -5.22
C ALA A 268 -16.14 -12.47 -5.28
N ILE A 269 -17.07 -12.64 -6.22
CA ILE A 269 -18.19 -11.71 -6.41
C ILE A 269 -19.01 -11.54 -5.13
N GLU A 270 -19.34 -12.66 -4.51
CA GLU A 270 -20.11 -12.67 -3.28
C GLU A 270 -19.43 -11.80 -2.23
N GLU A 271 -18.18 -12.14 -1.93
CA GLU A 271 -17.42 -11.39 -0.95
C GLU A 271 -17.40 -9.93 -1.33
N SER A 272 -17.13 -9.66 -2.60
CA SER A 272 -17.09 -8.30 -3.08
C SER A 272 -18.39 -7.58 -2.75
N TYR A 273 -19.52 -8.18 -3.10
CA TYR A 273 -20.81 -7.56 -2.83
C TYR A 273 -21.03 -7.27 -1.36
N TYR A 274 -20.65 -8.20 -0.50
CA TYR A 274 -20.77 -7.98 0.94
C TYR A 274 -19.98 -6.72 1.33
N LYS A 275 -18.79 -6.58 0.75
CA LYS A 275 -17.92 -5.44 1.03
C LYS A 275 -18.47 -4.13 0.48
N LEU A 276 -19.19 -4.20 -0.63
CA LEU A 276 -19.74 -2.99 -1.22
C LEU A 276 -20.68 -2.30 -0.26
N ASP A 277 -21.26 -3.07 0.66
CA ASP A 277 -22.21 -2.55 1.65
C ASP A 277 -22.77 -1.16 1.36
N LYS A 278 -23.95 -1.12 0.73
CA LYS A 278 -24.63 0.13 0.39
C LYS A 278 -24.13 0.76 -0.89
N ARG A 279 -22.88 0.49 -1.25
CA ARG A 279 -22.30 1.07 -2.47
C ARG A 279 -22.71 0.33 -3.73
N ILE A 280 -23.03 1.09 -4.77
CA ILE A 280 -23.45 0.52 -6.05
C ILE A 280 -22.56 0.86 -7.23
N PRO A 281 -21.92 -0.17 -7.83
CA PRO A 281 -21.03 -0.02 -8.98
C PRO A 281 -21.73 -0.06 -10.35
N LYS A 282 -21.18 0.70 -11.30
CA LYS A 282 -21.70 0.75 -12.66
C LYS A 282 -20.63 0.12 -13.52
N ALA A 283 -19.50 -0.23 -12.90
CA ALA A 283 -18.37 -0.83 -13.62
C ALA A 283 -17.91 -2.11 -12.98
N ILE A 284 -17.55 -3.09 -13.82
CA ILE A 284 -17.09 -4.38 -13.33
C ILE A 284 -15.95 -4.88 -14.22
N HIS A 285 -14.95 -5.47 -13.58
CA HIS A 285 -13.80 -6.03 -14.29
C HIS A 285 -13.54 -7.42 -13.74
N VAL A 286 -13.17 -8.35 -14.61
CA VAL A 286 -12.82 -9.71 -14.17
C VAL A 286 -11.30 -9.76 -14.34
N VAL A 287 -10.61 -10.11 -13.26
CA VAL A 287 -9.16 -10.17 -13.27
C VAL A 287 -8.62 -11.58 -13.11
N ALA A 288 -7.56 -11.87 -13.83
CA ALA A 288 -6.95 -13.19 -13.79
C ALA A 288 -5.45 -13.13 -13.82
N VAL A 289 -4.84 -14.00 -13.03
CA VAL A 289 -3.39 -14.12 -12.99
C VAL A 289 -3.10 -15.39 -13.79
N THR A 290 -2.32 -15.26 -14.84
CA THR A 290 -1.97 -16.40 -15.68
C THR A 290 -0.96 -17.30 -14.97
N GLU A 291 -0.88 -18.56 -15.38
CA GLU A 291 0.05 -19.49 -14.74
C GLU A 291 1.50 -19.01 -14.70
N ASP A 292 1.84 -17.98 -15.47
CA ASP A 292 3.20 -17.46 -15.44
C ASP A 292 3.20 -16.09 -14.74
N LEU A 293 2.34 -15.98 -13.75
CA LEU A 293 2.16 -14.79 -12.92
C LEU A 293 1.95 -13.46 -13.61
N ASP A 294 1.36 -13.49 -14.81
CA ASP A 294 1.06 -12.29 -15.57
C ASP A 294 -0.42 -11.96 -15.29
N ILE A 295 -0.81 -10.71 -15.45
CA ILE A 295 -2.18 -10.30 -15.16
C ILE A 295 -3.02 -9.91 -16.37
N VAL A 296 -4.21 -10.48 -16.46
CA VAL A 296 -5.14 -10.23 -17.57
C VAL A 296 -6.47 -9.68 -17.03
N SER A 297 -7.07 -8.73 -17.75
CA SER A 297 -8.34 -8.20 -17.28
C SER A 297 -9.25 -7.74 -18.40
N ARG A 298 -10.55 -7.84 -18.17
CA ARG A 298 -11.58 -7.43 -19.13
C ARG A 298 -12.73 -6.85 -18.33
N GLY A 299 -13.17 -5.66 -18.71
CA GLY A 299 -14.25 -5.04 -17.98
C GLY A 299 -15.36 -4.56 -18.87
N ARG A 300 -16.26 -3.81 -18.26
CA ARG A 300 -17.40 -3.27 -18.96
C ARG A 300 -18.10 -2.30 -18.04
N THR A 301 -18.45 -1.13 -18.56
CA THR A 301 -19.15 -0.15 -17.77
C THR A 301 -20.62 -0.13 -18.20
N PHE A 302 -21.52 -0.20 -17.23
CA PHE A 302 -22.94 -0.17 -17.55
C PHE A 302 -23.50 1.23 -17.36
N PRO A 303 -24.59 1.53 -18.08
CA PRO A 303 -25.23 2.85 -17.96
C PRO A 303 -26.17 2.90 -16.76
N HIS A 304 -25.80 2.19 -15.70
CA HIS A 304 -26.60 2.15 -14.47
C HIS A 304 -25.90 1.22 -13.48
N GLY A 305 -26.45 1.15 -12.26
CA GLY A 305 -25.86 0.29 -11.25
C GLY A 305 -25.82 -1.17 -11.65
N ILE A 306 -25.27 -2.03 -10.81
CA ILE A 306 -25.18 -3.44 -11.14
C ILE A 306 -25.70 -4.36 -10.05
N SER A 307 -26.69 -5.18 -10.39
CA SER A 307 -27.26 -6.12 -9.44
C SER A 307 -26.36 -7.35 -9.34
N LYS A 308 -26.43 -8.05 -8.22
CA LYS A 308 -25.62 -9.24 -8.04
C LYS A 308 -25.93 -10.20 -9.19
N GLU A 309 -27.21 -10.31 -9.54
CA GLU A 309 -27.61 -11.18 -10.63
C GLU A 309 -26.91 -10.77 -11.93
N THR A 310 -26.85 -9.47 -12.20
CA THR A 310 -26.21 -9.01 -13.41
C THR A 310 -24.72 -9.26 -13.36
N ALA A 311 -24.11 -8.99 -12.21
CA ALA A 311 -22.68 -9.19 -12.04
C ALA A 311 -22.31 -10.66 -12.24
N TYR A 312 -23.06 -11.56 -11.63
CA TYR A 312 -22.80 -12.98 -11.79
C TYR A 312 -22.70 -13.35 -13.26
N SER A 313 -23.79 -13.12 -13.97
CA SER A 313 -23.91 -13.38 -15.39
C SER A 313 -22.84 -12.65 -16.22
N GLU A 314 -22.68 -11.35 -15.98
CA GLU A 314 -21.72 -10.53 -16.72
C GLU A 314 -20.25 -10.90 -16.53
N SER A 315 -19.91 -11.39 -15.34
CA SER A 315 -18.53 -11.76 -15.06
C SER A 315 -18.14 -13.03 -15.81
N VAL A 316 -19.14 -13.81 -16.21
CA VAL A 316 -18.88 -15.04 -16.93
C VAL A 316 -18.52 -14.78 -18.40
N LYS A 317 -19.16 -13.79 -19.01
CA LYS A 317 -18.84 -13.45 -20.40
C LYS A 317 -17.41 -12.93 -20.45
N LEU A 318 -17.02 -12.20 -19.40
CA LEU A 318 -15.69 -11.62 -19.30
C LEU A 318 -14.62 -12.70 -19.03
N LEU A 319 -14.96 -13.71 -18.24
CA LEU A 319 -14.00 -14.77 -17.99
C LEU A 319 -13.84 -15.54 -19.29
N GLN A 320 -14.90 -15.57 -20.09
CA GLN A 320 -14.89 -16.25 -21.38
C GLN A 320 -14.05 -15.46 -22.38
N LYS A 321 -14.29 -14.16 -22.44
CA LYS A 321 -13.52 -13.31 -23.34
C LYS A 321 -12.05 -13.55 -23.01
N ILE A 322 -11.72 -13.52 -21.71
CA ILE A 322 -10.35 -13.76 -21.28
C ILE A 322 -9.80 -15.05 -21.85
N LEU A 323 -10.42 -16.18 -21.51
CA LEU A 323 -9.97 -17.48 -22.01
C LEU A 323 -9.91 -17.56 -23.55
N GLU A 324 -10.82 -16.86 -24.22
CA GLU A 324 -10.84 -16.83 -25.68
C GLU A 324 -9.60 -16.05 -26.16
N GLU A 325 -9.41 -14.88 -25.57
CA GLU A 325 -8.30 -13.99 -25.90
C GLU A 325 -6.92 -14.53 -25.54
N ASP A 326 -6.75 -14.95 -24.29
CA ASP A 326 -5.47 -15.49 -23.82
C ASP A 326 -5.58 -17.02 -23.78
N GLU A 327 -4.46 -17.72 -23.86
CA GLU A 327 -4.50 -19.17 -23.85
C GLU A 327 -3.79 -19.85 -22.68
N ARG A 328 -3.04 -19.07 -21.90
CA ARG A 328 -2.36 -19.64 -20.76
C ARG A 328 -3.39 -20.13 -19.74
N LYS A 329 -2.96 -20.97 -18.83
CA LYS A 329 -3.88 -21.45 -17.81
C LYS A 329 -4.00 -20.32 -16.79
N ILE A 330 -5.08 -20.33 -16.01
CA ILE A 330 -5.33 -19.31 -15.00
C ILE A 330 -4.95 -19.80 -13.61
N ARG A 331 -4.27 -18.95 -12.86
CA ARG A 331 -3.83 -19.27 -11.52
C ARG A 331 -4.76 -18.64 -10.47
N ARG A 332 -4.99 -17.34 -10.59
CA ARG A 332 -5.87 -16.66 -9.65
C ARG A 332 -6.95 -15.90 -10.42
N ILE A 333 -8.17 -15.90 -9.89
CA ILE A 333 -9.26 -15.20 -10.53
C ILE A 333 -9.94 -14.25 -9.54
N GLY A 334 -10.59 -13.21 -10.07
CA GLY A 334 -11.25 -12.27 -9.19
C GLY A 334 -11.99 -11.17 -9.93
N VAL A 335 -12.74 -10.38 -9.17
CA VAL A 335 -13.51 -9.30 -9.71
C VAL A 335 -13.18 -7.99 -9.03
N ARG A 336 -13.54 -6.90 -9.71
CA ARG A 336 -13.33 -5.57 -9.20
C ARG A 336 -14.48 -4.68 -9.64
N PHE A 337 -15.12 -4.03 -8.68
CA PHE A 337 -16.25 -3.14 -8.93
C PHE A 337 -15.85 -1.68 -8.73
N SER A 338 -16.07 -0.88 -9.75
CA SER A 338 -15.72 0.53 -9.71
C SER A 338 -16.86 1.38 -10.25
N LYS A 339 -16.70 2.70 -10.14
CA LYS A 339 -17.67 3.68 -10.61
C LYS A 339 -18.99 3.66 -9.84
N PHE A 340 -18.90 3.88 -8.54
CA PHE A 340 -20.05 3.91 -7.68
C PHE A 340 -20.98 5.07 -8.03
N ILE A 341 -22.25 4.95 -7.67
CA ILE A 341 -23.25 5.98 -7.96
C ILE A 341 -23.09 7.24 -7.11
C HN0 B 4 -2.82 -5.02 2.16
P HN0 B 4 -4.95 -14.95 -1.82
C1 HN0 B 4 -3.29 -3.63 2.51
N1 HN0 B 4 -0.28 -6.07 -1.63
O1 HN0 B 4 -3.74 -3.48 3.84
C2 HN0 B 4 -1.54 -6.19 -1.05
N2 HN0 B 4 -1.88 -5.24 -0.14
C3 HN0 B 4 -3.15 -5.10 0.66
N3 HN0 B 4 -2.39 -7.21 -1.39
C4 HN0 B 4 -1.88 -8.11 -2.35
O4 HN0 B 4 -4.40 -3.34 1.75
C5 HN0 B 4 -0.63 -8.06 -2.99
C6 HN0 B 4 0.26 -6.96 -2.61
O6 HN0 B 4 1.40 -6.72 -3.05
C7 HN0 B 4 -4.11 -3.83 0.43
N7 HN0 B 4 -0.48 -9.14 -3.90
C8 HN0 B 4 -1.63 -9.78 -3.78
C9 HN0 B 4 -3.59 -2.56 -0.35
N9 HN0 B 4 -2.53 -9.22 -2.87
C1' HN0 B 4 -3.87 -9.62 -2.52
C10 HN0 B 4 -4.47 -1.28 -0.34
C11 HN0 B 4 -3.82 -0.11 -1.15
C12 HN0 B 4 -4.65 1.20 -1.18
C13 HN0 B 4 -4.01 2.37 -0.42
C2' HN0 B 4 -4.56 -10.58 -3.46
C3' HN0 B 4 -5.76 -10.85 -2.57
O3' HN0 B 4 -6.53 -9.64 -2.61
C4' HN0 B 4 -5.09 -11.06 -1.21
O4' HN0 B 4 -3.85 -10.31 -1.29
C5' HN0 B 4 -4.79 -12.51 -0.90
O5' HN0 B 4 -4.98 -13.37 -2.05
OP1 HN0 B 4 -5.87 -15.28 -0.69
OP2 HN0 B 4 -5.15 -15.62 -3.14
PG DTP D . 7.52 -0.47 9.48
O1G DTP D . 8.09 0.70 8.75
O2G DTP D . 6.44 0.07 10.45
O3G DTP D . 8.55 -1.18 10.50
PB DTP D . 5.37 -2.09 8.40
O1B DTP D . 5.27 -3.53 8.28
O2B DTP D . 4.51 -1.49 9.46
O3B DTP D . 6.87 -1.53 8.49
PA DTP D . 4.51 -1.49 5.79
O1A DTP D . 4.24 -2.93 5.57
O2A DTP D . 4.14 -0.38 4.88
O3A DTP D . 4.97 -1.12 7.17
O5' DTP D . 2.98 -1.39 6.43
C5' DTP D . 2.07 -2.03 5.60
C4' DTP D . 0.95 -2.92 6.07
O4' DTP D . 0.65 -3.22 4.64
C3' DTP D . 1.61 -4.09 6.77
O3' DTP D . 0.87 -4.62 7.85
C2' DTP D . 1.82 -4.99 5.63
C1' DTP D . 0.69 -4.62 4.65
N9 DTP D . 1.13 -5.38 3.52
C8 DTP D . 2.30 -5.03 2.85
N7 DTP D . 2.61 -5.81 1.87
C5 DTP D . 1.59 -6.73 1.88
C6 DTP D . 1.34 -7.86 1.06
N6 DTP D . 2.17 -8.20 0.06
N1 DTP D . 0.20 -8.59 1.31
C2 DTP D . -0.61 -8.23 2.32
N3 DTP D . -0.48 -7.19 3.17
C4 DTP D . 0.65 -6.48 2.88
CA CA E . 4.53 1.42 8.60
CA CA F . 5.05 2.17 5.33
CA CA G . 11.96 2.74 -4.22
#